data_1QQB
#
_entry.id   1QQB
#
_cell.length_a   176.620
_cell.length_b   95.610
_cell.length_c   80.280
_cell.angle_alpha   90.00
_cell.angle_beta   90.00
_cell.angle_gamma   90.00
#
_symmetry.space_group_name_H-M   'C 2 2 21'
#
loop_
_entity.id
_entity.type
_entity.pdbx_description
1 polymer "5'-D(*TP*AP*CP*GP*CP*AP*AP*TP*CP*GP*AP*TP*TP*GP*CP*GP*T)-3'"
2 polymer 'PURINE NUCLEOTIDE SYNTHESIS REPRESSOR'
3 non-polymer HYPOXANTHINE
4 water water
#
loop_
_entity_poly.entity_id
_entity_poly.type
_entity_poly.pdbx_seq_one_letter_code
_entity_poly.pdbx_strand_id
1 'polydeoxyribonucleotide' (DT)(DA)(DC)(DG)(DC)(DA)(DA)(DT)(DC)(DG)(DA)(DT)(DT)(DG)(DC)(DG)(DT) M
2 'polypeptide(L)'
;ATIKDVAKRANVSTTTVSHVINKTRFVAEETRNAVWAAIKELHYSPSAVARSLAVNHTKSIGLLATSSEAAYFAEIIEAV
EKNCFQKGYTLILGNAWNNLEKQRAYLSMMAQKRVDGLLVMCSEYPEPLLAMLEEYRHIPMVVMDWGEAKADFTDAVIDN
AFEGGYMAGRYLIERGHREIGVIPGPLERNTGAGRLAGFMKAMEEAMIKVPESWIVQGDFEPESGYRAMQQILSQPHRPT
AVFCGGDIMAMGALCAADEMGLRVPQDVSLIGYDNVRNARYFTPALTTIHQPKDSLGETAFNMLLDRIVNKREEPQSIEV
HPRLIERRSVADGPFRDYRR
;
A
#
loop_
_chem_comp.id
_chem_comp.type
_chem_comp.name
_chem_comp.formula
DA DNA linking 2'-DEOXYADENOSINE-5'-MONOPHOSPHATE 'C10 H14 N5 O6 P'
DC DNA linking 2'-DEOXYCYTIDINE-5'-MONOPHOSPHATE 'C9 H14 N3 O7 P'
DG DNA linking 2'-DEOXYGUANOSINE-5'-MONOPHOSPHATE 'C10 H14 N5 O7 P'
DT DNA linking THYMIDINE-5'-MONOPHOSPHATE 'C10 H15 N2 O8 P'
HPA non-polymer HYPOXANTHINE 'C5 H4 N4 O'
#
# COMPACT_ATOMS: atom_id res chain seq x y z
N THR B 2 -36.67 18.10 -1.96
CA THR B 2 -37.21 17.31 -0.86
C THR B 2 -36.99 18.06 0.47
N ILE B 3 -35.89 18.81 0.62
CA ILE B 3 -35.81 19.58 1.87
C ILE B 3 -37.00 20.54 2.05
N LYS B 4 -37.59 20.99 0.93
CA LYS B 4 -38.77 21.90 0.87
C LYS B 4 -39.93 21.13 1.39
N ASP B 5 -40.03 19.90 0.92
CA ASP B 5 -41.12 19.05 1.33
C ASP B 5 -41.10 18.92 2.81
N VAL B 6 -39.91 18.83 3.37
CA VAL B 6 -39.85 18.67 4.82
C VAL B 6 -40.36 19.92 5.50
N ALA B 7 -39.72 21.05 5.17
CA ALA B 7 -40.05 22.32 5.79
C ALA B 7 -41.55 22.53 5.91
N LYS B 8 -42.20 22.42 4.78
CA LYS B 8 -43.63 22.60 4.63
C LYS B 8 -44.44 21.67 5.49
N ARG B 9 -44.02 20.43 5.58
CA ARG B 9 -44.77 19.52 6.39
C ARG B 9 -44.66 20.07 7.81
N ALA B 10 -43.47 20.53 8.19
CA ALA B 10 -43.26 21.08 9.53
C ALA B 10 -43.58 22.55 9.69
N ASN B 11 -44.00 23.18 8.61
CA ASN B 11 -44.35 24.60 8.63
C ASN B 11 -43.30 25.47 9.25
N VAL B 12 -42.11 25.42 8.68
CA VAL B 12 -40.99 26.22 9.11
C VAL B 12 -40.32 26.40 7.80
N SER B 13 -39.30 27.23 7.80
CA SER B 13 -38.61 27.43 6.57
C SER B 13 -37.65 26.25 6.44
N THR B 14 -36.95 26.19 5.33
CA THR B 14 -36.02 25.13 5.08
C THR B 14 -34.75 25.43 5.85
N THR B 15 -34.46 26.73 5.97
CA THR B 15 -33.29 27.22 6.69
C THR B 15 -33.38 26.52 8.05
N THR B 16 -34.58 26.54 8.57
CA THR B 16 -34.80 25.91 9.84
C THR B 16 -34.41 24.45 9.73
N VAL B 17 -35.13 23.74 8.86
CA VAL B 17 -34.86 22.31 8.67
C VAL B 17 -33.37 22.04 8.61
N SER B 18 -32.71 22.87 7.85
CA SER B 18 -31.31 22.68 7.72
C SER B 18 -30.60 22.74 9.05
N HIS B 19 -30.68 23.87 9.74
CA HIS B 19 -29.98 23.98 11.01
C HIS B 19 -30.29 22.87 11.98
N VAL B 20 -31.53 22.39 11.96
CA VAL B 20 -31.84 21.34 12.93
C VAL B 20 -31.10 20.11 12.50
N ILE B 21 -31.09 19.88 11.21
CA ILE B 21 -30.40 18.73 10.71
C ILE B 21 -28.91 18.82 11.05
N ASN B 22 -28.30 19.99 10.95
CA ASN B 22 -26.89 20.07 11.29
C ASN B 22 -26.55 20.71 12.59
N LYS B 23 -27.55 20.96 13.44
CA LYS B 23 -27.30 21.56 14.76
C LYS B 23 -26.41 22.75 14.53
N THR B 24 -26.71 23.49 13.51
CA THR B 24 -25.85 24.59 13.22
C THR B 24 -26.21 25.93 13.95
N ARG B 25 -27.34 25.93 14.67
CA ARG B 25 -27.76 27.09 15.43
C ARG B 25 -28.90 26.63 16.32
N PHE B 26 -29.24 27.40 17.36
CA PHE B 26 -30.30 26.99 18.25
C PHE B 26 -31.70 26.91 17.68
N VAL B 27 -32.41 25.84 18.05
CA VAL B 27 -33.77 25.67 17.59
C VAL B 27 -34.69 25.17 18.67
N ALA B 28 -35.83 25.83 18.81
CA ALA B 28 -36.83 25.46 19.80
C ALA B 28 -37.13 23.98 19.71
N GLU B 29 -37.32 23.42 20.89
CA GLU B 29 -37.60 22.02 21.05
C GLU B 29 -38.69 21.58 20.11
N GLU B 30 -39.87 22.10 20.34
CA GLU B 30 -41.01 21.74 19.51
C GLU B 30 -40.66 21.80 18.05
N THR B 31 -40.05 22.90 17.68
CA THR B 31 -39.65 23.12 16.33
C THR B 31 -38.82 21.95 15.86
N ARG B 32 -37.75 21.70 16.59
CA ARG B 32 -36.87 20.60 16.29
C ARG B 32 -37.70 19.35 16.10
N ASN B 33 -38.55 19.13 17.08
CA ASN B 33 -39.39 17.94 17.06
C ASN B 33 -40.21 17.74 15.81
N ALA B 34 -40.90 18.81 15.45
CA ALA B 34 -41.73 18.82 14.26
C ALA B 34 -40.90 18.43 13.03
N VAL B 35 -39.77 19.11 12.90
CA VAL B 35 -38.89 18.84 11.81
C VAL B 35 -38.51 17.39 11.82
N TRP B 36 -38.08 16.93 12.97
CA TRP B 36 -37.70 15.56 13.04
C TRP B 36 -38.81 14.64 12.58
N ALA B 37 -40.00 14.94 13.07
CA ALA B 37 -41.15 14.14 12.68
C ALA B 37 -41.37 14.11 11.15
N ALA B 38 -41.46 15.31 10.56
CA ALA B 38 -41.65 15.46 9.13
C ALA B 38 -40.61 14.61 8.46
N ILE B 39 -39.36 14.76 8.92
CA ILE B 39 -38.21 14.06 8.38
C ILE B 39 -38.53 12.61 8.36
N LYS B 40 -39.08 12.12 9.45
CA LYS B 40 -39.38 10.71 9.49
C LYS B 40 -40.44 10.23 8.52
N GLU B 41 -41.61 10.83 8.58
CA GLU B 41 -42.66 10.41 7.67
C GLU B 41 -42.19 10.49 6.26
N LEU B 42 -41.73 11.65 5.86
CA LEU B 42 -41.28 11.78 4.49
C LEU B 42 -40.18 10.82 4.14
N HIS B 43 -39.57 10.24 5.17
CA HIS B 43 -38.49 9.31 4.93
C HIS B 43 -37.43 10.03 4.20
N TYR B 44 -37.00 11.16 4.75
CA TYR B 44 -35.98 12.03 4.15
C TYR B 44 -34.49 11.72 4.31
N SER B 45 -33.74 11.81 3.23
CA SER B 45 -32.32 11.58 3.27
C SER B 45 -31.84 12.75 2.46
N PRO B 46 -31.11 13.61 3.12
CA PRO B 46 -30.61 14.82 2.49
C PRO B 46 -29.56 14.51 1.41
N SER B 47 -29.64 15.14 0.26
CA SER B 47 -28.65 14.87 -0.76
C SER B 47 -27.27 15.45 -0.43
N ALA B 48 -26.30 14.55 -0.40
CA ALA B 48 -24.94 14.96 -0.11
C ALA B 48 -24.40 15.65 -1.33
N VAL B 49 -25.09 15.50 -2.44
CA VAL B 49 -24.52 16.15 -3.59
C VAL B 49 -24.92 17.62 -3.58
N ALA B 50 -26.17 17.86 -3.15
CA ALA B 50 -26.74 19.19 -3.09
C ALA B 50 -25.82 19.89 -2.16
N ARG B 51 -25.63 19.24 -1.02
CA ARG B 51 -24.76 19.81 -0.03
C ARG B 51 -23.34 20.01 -0.46
N SER B 52 -22.79 19.04 -1.17
CA SER B 52 -21.40 19.23 -1.55
C SER B 52 -21.22 20.42 -2.44
N LEU B 53 -22.24 20.67 -3.25
CA LEU B 53 -22.24 21.78 -4.20
C LEU B 53 -22.19 23.11 -3.41
N ALA B 54 -23.04 23.15 -2.39
CA ALA B 54 -23.10 24.32 -1.56
C ALA B 54 -21.85 24.53 -0.67
N VAL B 55 -21.36 23.45 -0.06
CA VAL B 55 -20.21 23.59 0.85
C VAL B 55 -18.86 23.53 0.25
N ASN B 56 -18.72 22.95 -0.94
CA ASN B 56 -17.40 22.86 -1.58
C ASN B 56 -16.40 21.82 -1.15
N HIS B 57 -16.91 20.65 -0.85
CA HIS B 57 -16.08 19.53 -0.49
C HIS B 57 -17.01 18.37 -0.43
N THR B 58 -16.51 17.26 -0.92
CA THR B 58 -17.27 16.05 -1.00
C THR B 58 -17.16 15.05 0.14
N LYS B 59 -16.16 15.22 0.99
CA LYS B 59 -16.00 14.30 2.11
C LYS B 59 -15.82 12.89 1.54
N SER B 60 -15.04 12.83 0.48
CA SER B 60 -14.76 11.57 -0.10
C SER B 60 -13.32 11.66 -0.58
N ILE B 61 -12.60 10.55 -0.47
CA ILE B 61 -11.23 10.52 -0.91
C ILE B 61 -11.00 9.45 -1.99
N GLY B 62 -10.08 9.73 -2.88
CA GLY B 62 -9.80 8.79 -3.97
C GLY B 62 -8.46 8.07 -3.87
N LEU B 63 -8.54 6.75 -4.05
CA LEU B 63 -7.37 5.89 -4.03
C LEU B 63 -7.07 5.46 -5.46
N LEU B 64 -5.98 6.02 -5.99
CA LEU B 64 -5.58 5.66 -7.34
C LEU B 64 -4.57 4.56 -7.17
N ALA B 65 -5.06 3.33 -7.11
CA ALA B 65 -4.19 2.18 -6.92
C ALA B 65 -3.63 1.61 -8.18
N THR B 66 -3.14 0.40 -8.04
CA THR B 66 -2.55 -0.33 -9.14
C THR B 66 -3.43 -1.54 -9.44
N SER B 67 -3.55 -2.39 -8.42
CA SER B 67 -4.33 -3.64 -8.46
C SER B 67 -4.80 -3.75 -7.00
N SER B 68 -5.85 -4.51 -6.73
CA SER B 68 -6.32 -4.62 -5.38
C SER B 68 -6.46 -6.06 -4.87
N GLU B 69 -6.20 -7.06 -5.72
CA GLU B 69 -6.31 -8.46 -5.30
C GLU B 69 -5.04 -8.90 -4.52
N ALA B 70 -3.88 -8.56 -5.05
CA ALA B 70 -2.63 -8.88 -4.40
C ALA B 70 -2.65 -8.55 -2.92
N ALA B 71 -2.32 -9.59 -2.18
CA ALA B 71 -2.26 -9.56 -0.74
C ALA B 71 -1.73 -8.27 -0.19
N TYR B 72 -0.54 -7.93 -0.66
CA TYR B 72 0.11 -6.75 -0.20
C TYR B 72 -0.82 -5.53 -0.32
N PHE B 73 -1.31 -5.31 -1.53
CA PHE B 73 -2.17 -4.19 -1.78
C PHE B 73 -3.42 -4.29 -1.01
N ALA B 74 -4.04 -5.43 -1.14
CA ALA B 74 -5.29 -5.62 -0.45
C ALA B 74 -5.24 -5.25 1.00
N GLU B 75 -4.13 -5.61 1.60
CA GLU B 75 -3.97 -5.37 2.97
C GLU B 75 -3.88 -3.93 3.31
N ILE B 76 -3.27 -3.17 2.41
CA ILE B 76 -3.11 -1.73 2.62
C ILE B 76 -4.46 -1.04 2.48
N ILE B 77 -5.08 -1.32 1.35
CA ILE B 77 -6.36 -0.73 1.06
C ILE B 77 -7.33 -0.91 2.21
N GLU B 78 -7.47 -2.13 2.69
CA GLU B 78 -8.39 -2.35 3.81
C GLU B 78 -8.05 -1.39 4.96
N ALA B 79 -6.75 -1.20 5.18
CA ALA B 79 -6.33 -0.31 6.27
C ALA B 79 -6.89 1.03 5.91
N VAL B 80 -6.57 1.51 4.70
CA VAL B 80 -7.06 2.79 4.29
C VAL B 80 -8.56 3.00 4.51
N GLU B 81 -9.39 2.08 4.02
CA GLU B 81 -10.82 2.25 4.17
C GLU B 81 -11.22 2.44 5.59
N LYS B 82 -10.56 1.72 6.50
CA LYS B 82 -10.88 1.80 7.91
C LYS B 82 -10.82 3.21 8.38
N ASN B 83 -9.73 3.87 8.04
CA ASN B 83 -9.52 5.23 8.44
C ASN B 83 -10.51 6.18 7.83
N CYS B 84 -10.87 5.94 6.59
CA CYS B 84 -11.83 6.82 5.94
C CYS B 84 -13.10 6.76 6.73
N PHE B 85 -13.62 5.56 6.80
CA PHE B 85 -14.84 5.31 7.51
C PHE B 85 -14.89 5.96 8.87
N GLN B 86 -13.78 5.78 9.54
CA GLN B 86 -13.58 6.27 10.86
C GLN B 86 -13.74 7.78 11.01
N LYS B 87 -13.34 8.53 10.00
CA LYS B 87 -13.44 9.99 10.02
C LYS B 87 -14.46 10.42 9.00
N GLY B 88 -15.46 9.56 8.79
CA GLY B 88 -16.52 9.86 7.84
C GLY B 88 -16.20 10.08 6.36
N TYR B 89 -15.04 9.65 5.89
CA TYR B 89 -14.78 9.83 4.48
C TYR B 89 -15.30 8.62 3.72
N THR B 90 -15.57 8.87 2.46
CA THR B 90 -16.06 7.85 1.57
C THR B 90 -14.87 7.52 0.67
N LEU B 91 -14.73 6.24 0.29
CA LEU B 91 -13.62 5.76 -0.56
C LEU B 91 -13.89 5.36 -2.01
N ILE B 92 -13.17 5.99 -2.90
CA ILE B 92 -13.34 5.63 -4.27
C ILE B 92 -12.06 4.88 -4.62
N LEU B 93 -12.24 3.61 -4.98
CA LEU B 93 -11.13 2.79 -5.31
C LEU B 93 -10.86 2.73 -6.79
N GLY B 94 -9.66 3.07 -7.27
CA GLY B 94 -9.43 2.97 -8.73
C GLY B 94 -8.16 2.20 -9.11
N ASN B 95 -8.26 1.15 -9.92
CA ASN B 95 -7.02 0.40 -10.26
C ASN B 95 -6.57 0.77 -11.68
N ALA B 96 -5.45 1.47 -11.84
CA ALA B 96 -4.96 1.85 -13.18
C ALA B 96 -4.09 0.81 -13.90
N TRP B 97 -3.81 -0.30 -13.19
CA TRP B 97 -3.04 -1.45 -13.67
C TRP B 97 -1.82 -1.02 -14.36
N ASN B 98 -1.20 0.00 -13.80
CA ASN B 98 0.00 0.53 -14.40
C ASN B 98 -0.23 0.95 -15.86
N ASN B 99 -1.39 1.52 -16.12
CA ASN B 99 -1.64 1.92 -17.47
C ASN B 99 -1.88 3.42 -17.50
N LEU B 100 -1.05 4.09 -18.26
CA LEU B 100 -1.15 5.53 -18.39
C LEU B 100 -2.58 5.99 -18.77
N GLU B 101 -3.11 5.40 -19.83
CA GLU B 101 -4.44 5.78 -20.25
C GLU B 101 -5.47 5.58 -19.17
N LYS B 102 -5.39 4.41 -18.55
CA LYS B 102 -6.28 4.04 -17.48
C LYS B 102 -5.96 5.08 -16.46
N GLN B 103 -4.69 5.29 -16.22
CA GLN B 103 -4.45 6.27 -15.21
C GLN B 103 -4.90 7.70 -15.48
N ARG B 104 -4.85 8.13 -16.74
CA ARG B 104 -5.29 9.47 -17.05
C ARG B 104 -6.78 9.51 -16.82
N ALA B 105 -7.46 8.48 -17.29
CA ALA B 105 -8.87 8.41 -17.14
C ALA B 105 -9.35 8.50 -15.71
N TYR B 106 -8.80 7.64 -14.85
CA TYR B 106 -9.21 7.63 -13.47
C TYR B 106 -8.91 8.96 -12.84
N LEU B 107 -7.76 9.54 -13.19
CA LEU B 107 -7.43 10.82 -12.56
C LEU B 107 -8.50 11.87 -12.93
N SER B 108 -8.95 11.84 -14.17
CA SER B 108 -9.94 12.79 -14.57
C SER B 108 -11.25 12.63 -13.84
N MET B 109 -11.74 11.40 -13.77
CA MET B 109 -13.00 11.20 -13.10
C MET B 109 -12.88 11.69 -11.69
N MET B 110 -11.71 11.44 -11.10
CA MET B 110 -11.54 11.83 -9.74
C MET B 110 -11.69 13.31 -9.49
N ALA B 111 -10.96 14.09 -10.29
CA ALA B 111 -11.05 15.54 -10.18
C ALA B 111 -12.53 15.94 -10.41
N GLN B 112 -13.11 15.42 -11.50
CA GLN B 112 -14.47 15.68 -11.79
C GLN B 112 -15.37 15.40 -10.65
N LYS B 113 -15.20 14.24 -10.05
CA LYS B 113 -16.03 13.94 -8.89
C LYS B 113 -15.57 14.81 -7.68
N ARG B 114 -14.64 15.74 -7.89
CA ARG B 114 -14.17 16.60 -6.83
C ARG B 114 -13.88 15.91 -5.50
N VAL B 115 -12.90 15.01 -5.49
CA VAL B 115 -12.50 14.28 -4.26
C VAL B 115 -11.68 15.24 -3.40
N ASP B 116 -11.90 15.18 -2.10
CA ASP B 116 -11.21 16.07 -1.16
C ASP B 116 -9.70 15.96 -1.22
N GLY B 117 -9.23 14.74 -1.43
CA GLY B 117 -7.80 14.43 -1.54
C GLY B 117 -7.59 13.15 -2.38
N LEU B 118 -6.33 12.86 -2.68
CA LEU B 118 -5.98 11.72 -3.45
C LEU B 118 -4.88 10.88 -2.84
N LEU B 119 -5.11 9.56 -2.82
CA LEU B 119 -4.14 8.60 -2.30
C LEU B 119 -3.49 7.94 -3.52
N VAL B 120 -2.18 8.04 -3.61
CA VAL B 120 -1.54 7.45 -4.80
C VAL B 120 -0.67 6.23 -4.59
N MET B 121 -1.05 5.18 -5.31
CA MET B 121 -0.32 3.88 -5.28
C MET B 121 -0.10 3.30 -6.67
N CYS B 122 0.67 4.00 -7.45
CA CYS B 122 0.86 3.54 -8.80
C CYS B 122 1.99 2.63 -9.12
N SER B 123 2.78 2.23 -8.13
CA SER B 123 3.90 1.31 -8.36
C SER B 123 5.01 1.86 -9.19
N GLU B 124 4.78 2.05 -10.47
CA GLU B 124 5.85 2.60 -11.33
C GLU B 124 5.51 4.04 -11.73
N TYR B 125 6.51 4.91 -11.76
CA TYR B 125 6.31 6.34 -12.09
C TYR B 125 7.19 6.88 -13.20
N PRO B 126 6.85 6.60 -14.43
CA PRO B 126 7.63 7.15 -15.56
C PRO B 126 7.26 8.63 -15.56
N GLU B 127 8.07 9.43 -16.22
CA GLU B 127 7.85 10.84 -16.28
C GLU B 127 6.42 11.21 -16.59
N PRO B 128 5.96 10.78 -17.73
CA PRO B 128 4.60 11.02 -18.17
C PRO B 128 3.62 10.89 -17.02
N LEU B 129 3.83 9.92 -16.15
CA LEU B 129 2.91 9.81 -15.04
C LEU B 129 3.18 10.96 -14.10
N LEU B 130 4.46 11.24 -13.89
CA LEU B 130 4.87 12.31 -12.98
C LEU B 130 4.23 13.62 -13.43
N ALA B 131 4.23 13.79 -14.75
CA ALA B 131 3.67 14.94 -15.40
C ALA B 131 2.19 15.12 -15.01
N MET B 132 1.33 14.17 -15.40
CA MET B 132 -0.08 14.20 -15.10
C MET B 132 -0.35 14.57 -13.66
N LEU B 133 0.32 13.89 -12.74
CA LEU B 133 0.11 14.18 -11.35
C LEU B 133 0.32 15.65 -11.02
N GLU B 134 1.38 16.22 -11.55
CA GLU B 134 1.62 17.63 -11.27
C GLU B 134 0.42 18.42 -11.79
N GLU B 135 -0.11 18.00 -12.92
CA GLU B 135 -1.25 18.70 -13.48
C GLU B 135 -2.40 18.73 -12.55
N TYR B 136 -2.34 17.97 -11.48
CA TYR B 136 -3.46 17.98 -10.57
C TYR B 136 -3.03 18.31 -9.18
N ARG B 137 -1.87 18.94 -9.09
CA ARG B 137 -1.33 19.30 -7.78
C ARG B 137 -2.31 20.14 -6.98
N HIS B 138 -3.36 20.61 -7.61
CA HIS B 138 -4.30 21.43 -6.87
C HIS B 138 -5.12 20.61 -5.95
N ILE B 139 -5.30 19.34 -6.28
CA ILE B 139 -6.09 18.54 -5.38
C ILE B 139 -4.99 17.94 -4.55
N PRO B 140 -5.19 17.96 -3.26
CA PRO B 140 -4.23 17.45 -2.30
C PRO B 140 -3.90 15.97 -2.48
N MET B 141 -2.65 15.59 -2.32
CA MET B 141 -2.38 14.19 -2.48
C MET B 141 -1.18 13.56 -1.79
N VAL B 142 -1.29 12.29 -1.46
CA VAL B 142 -0.15 11.63 -0.90
C VAL B 142 0.27 10.35 -1.65
N VAL B 143 1.55 10.26 -2.01
CA VAL B 143 2.06 9.08 -2.69
C VAL B 143 2.45 8.10 -1.61
N MET B 144 1.99 6.88 -1.75
CA MET B 144 2.35 5.97 -0.70
C MET B 144 3.42 4.95 -1.05
N ASP B 145 3.97 4.97 -2.24
CA ASP B 145 4.93 3.93 -2.57
C ASP B 145 6.29 4.27 -3.14
N TRP B 146 6.80 5.43 -2.78
CA TRP B 146 8.09 5.81 -3.27
C TRP B 146 9.09 5.51 -2.18
N GLY B 147 10.34 5.42 -2.58
CA GLY B 147 11.35 5.16 -1.58
C GLY B 147 11.92 6.50 -1.08
N GLU B 148 11.76 7.54 -1.90
CA GLU B 148 12.21 8.90 -1.60
C GLU B 148 11.25 9.83 -2.29
N ALA B 149 11.22 11.11 -1.90
CA ALA B 149 10.31 12.11 -2.51
C ALA B 149 10.68 12.58 -3.90
N LYS B 150 9.95 12.12 -4.90
CA LYS B 150 10.24 12.50 -6.25
C LYS B 150 9.55 13.77 -6.80
N ALA B 151 8.90 14.53 -5.92
CA ALA B 151 8.20 15.73 -6.36
C ALA B 151 7.91 16.56 -5.15
N ASP B 152 7.87 17.85 -5.38
CA ASP B 152 7.61 18.86 -4.37
C ASP B 152 6.12 19.11 -4.22
N PHE B 153 5.33 18.52 -5.10
CA PHE B 153 3.94 18.80 -4.97
C PHE B 153 3.11 17.76 -4.29
N THR B 154 3.73 16.87 -3.54
CA THR B 154 2.96 15.83 -2.86
C THR B 154 3.55 15.53 -1.53
N ASP B 155 2.79 14.81 -0.74
CA ASP B 155 3.30 14.39 0.53
C ASP B 155 3.76 12.94 0.17
N ALA B 156 4.63 12.36 0.97
CA ALA B 156 5.11 11.01 0.67
C ALA B 156 5.33 10.24 1.93
N VAL B 157 4.99 8.99 1.88
CA VAL B 157 5.25 8.20 3.06
C VAL B 157 6.36 7.25 2.56
N ILE B 158 7.51 7.23 3.23
CA ILE B 158 8.62 6.36 2.81
C ILE B 158 8.87 5.17 3.70
N ASP B 159 9.03 4.01 3.05
CA ASP B 159 9.20 2.71 3.72
C ASP B 159 10.60 2.13 4.01
N ASN B 160 11.68 2.78 3.64
CA ASN B 160 12.98 2.22 4.00
C ASN B 160 13.21 0.82 3.45
N ALA B 161 12.68 0.59 2.28
CA ALA B 161 12.84 -0.69 1.63
C ALA B 161 14.33 -1.09 1.46
N PHE B 162 15.21 -0.13 1.45
CA PHE B 162 16.61 -0.44 1.29
C PHE B 162 17.11 -1.03 2.57
N GLU B 163 16.78 -0.42 3.70
CA GLU B 163 17.22 -0.97 4.96
C GLU B 163 16.56 -2.33 5.25
N GLY B 164 15.44 -2.60 4.61
CA GLY B 164 14.75 -3.87 4.80
C GLY B 164 15.52 -4.92 4.03
N GLY B 165 15.91 -4.58 2.80
CA GLY B 165 16.68 -5.50 1.95
C GLY B 165 18.00 -5.90 2.63
N TYR B 166 18.67 -4.91 3.23
CA TYR B 166 19.92 -5.10 3.93
C TYR B 166 19.69 -6.01 5.11
N MET B 167 18.57 -5.80 5.81
CA MET B 167 18.28 -6.65 6.95
C MET B 167 18.23 -8.10 6.53
N ALA B 168 17.64 -8.33 5.38
CA ALA B 168 17.48 -9.68 4.87
C ALA B 168 18.83 -10.31 4.56
N GLY B 169 19.66 -9.58 3.82
CA GLY B 169 20.99 -10.10 3.52
C GLY B 169 21.71 -10.50 4.83
N ARG B 170 21.86 -9.54 5.73
CA ARG B 170 22.53 -9.77 7.00
C ARG B 170 22.10 -11.00 7.74
N TYR B 171 20.82 -11.27 7.71
CA TYR B 171 20.31 -12.41 8.46
C TYR B 171 20.92 -13.67 7.93
N LEU B 172 20.89 -13.79 6.64
CA LEU B 172 21.43 -14.94 6.02
C LEU B 172 22.87 -15.05 6.38
N ILE B 173 23.60 -13.97 6.19
CA ILE B 173 25.00 -13.96 6.49
C ILE B 173 25.23 -14.39 7.91
N GLU B 174 24.48 -13.81 8.81
CA GLU B 174 24.66 -14.20 10.19
C GLU B 174 24.29 -15.66 10.52
N ARG B 175 23.51 -16.31 9.66
CA ARG B 175 23.10 -17.69 9.90
C ARG B 175 24.05 -18.71 9.25
N GLY B 176 25.12 -18.25 8.60
CA GLY B 176 26.08 -19.15 8.00
C GLY B 176 26.04 -19.29 6.52
N HIS B 177 25.29 -18.44 5.84
CA HIS B 177 25.23 -18.53 4.36
C HIS B 177 26.19 -17.60 3.61
N ARG B 178 26.59 -18.03 2.42
CA ARG B 178 27.49 -17.28 1.59
C ARG B 178 27.13 -17.57 0.12
N GLU B 179 26.35 -18.62 -0.14
CA GLU B 179 25.93 -18.90 -1.50
C GLU B 179 24.43 -18.64 -1.53
N ILE B 180 24.10 -17.43 -2.03
CA ILE B 180 22.74 -16.95 -2.13
C ILE B 180 22.33 -16.46 -3.48
N GLY B 181 21.05 -16.58 -3.70
CA GLY B 181 20.44 -16.15 -4.92
C GLY B 181 19.34 -15.20 -4.49
N VAL B 182 18.77 -14.53 -5.48
CA VAL B 182 17.73 -13.60 -5.17
C VAL B 182 16.77 -13.45 -6.31
N ILE B 183 15.52 -13.32 -5.94
CA ILE B 183 14.47 -13.10 -6.92
C ILE B 183 13.80 -11.81 -6.54
N PRO B 184 14.16 -10.75 -7.23
CA PRO B 184 13.61 -9.41 -6.95
C PRO B 184 12.33 -9.11 -7.73
N GLY B 185 11.66 -8.06 -7.29
CA GLY B 185 10.43 -7.61 -7.94
C GLY B 185 10.93 -6.62 -9.01
N PRO B 186 10.00 -6.10 -9.81
CA PRO B 186 10.34 -5.13 -10.87
C PRO B 186 11.25 -3.99 -10.39
N LEU B 187 12.33 -3.81 -11.11
CA LEU B 187 13.30 -2.79 -10.76
C LEU B 187 12.73 -1.39 -10.89
N GLU B 188 11.66 -1.27 -11.66
CA GLU B 188 11.00 0.01 -11.87
C GLU B 188 10.17 0.46 -10.66
N ARG B 189 10.16 -0.36 -9.61
CA ARG B 189 9.43 -0.07 -8.40
C ARG B 189 10.37 0.05 -7.24
N ASN B 190 9.90 0.71 -6.21
CA ASN B 190 10.67 0.92 -4.99
C ASN B 190 10.91 -0.41 -4.32
N THR B 191 9.79 -1.06 -3.97
CA THR B 191 9.78 -2.37 -3.34
C THR B 191 10.62 -3.39 -4.16
N GLY B 192 10.89 -3.06 -5.43
CA GLY B 192 11.73 -3.89 -6.30
C GLY B 192 13.20 -3.45 -6.20
N ALA B 193 13.53 -2.36 -6.86
CA ALA B 193 14.88 -1.87 -6.84
C ALA B 193 15.46 -1.64 -5.48
N GLY B 194 14.64 -1.08 -4.61
CA GLY B 194 15.12 -0.73 -3.30
C GLY B 194 15.44 -1.85 -2.39
N ARG B 195 14.64 -2.88 -2.48
CA ARG B 195 14.87 -3.99 -1.61
C ARG B 195 16.17 -4.70 -2.02
N LEU B 196 16.35 -4.85 -3.33
CA LEU B 196 17.50 -5.48 -3.93
C LEU B 196 18.82 -4.89 -3.54
N ALA B 197 18.86 -3.60 -3.69
CA ALA B 197 20.04 -2.86 -3.38
C ALA B 197 20.40 -2.94 -1.92
N GLY B 198 19.43 -2.78 -1.05
CA GLY B 198 19.73 -2.84 0.38
C GLY B 198 20.41 -4.19 0.62
N PHE B 199 19.82 -5.19 0.00
CA PHE B 199 20.29 -6.55 0.08
C PHE B 199 21.67 -6.67 -0.55
N MET B 200 21.85 -6.02 -1.67
CA MET B 200 23.14 -6.14 -2.29
C MET B 200 24.27 -5.48 -1.48
N LYS B 201 23.97 -4.38 -0.78
CA LYS B 201 24.97 -3.70 -0.01
C LYS B 201 25.50 -4.63 1.07
N ALA B 202 24.59 -5.35 1.71
CA ALA B 202 24.94 -6.30 2.76
C ALA B 202 25.92 -7.37 2.21
N MET B 203 25.75 -7.76 0.93
CA MET B 203 26.61 -8.74 0.27
C MET B 203 28.01 -8.17 0.03
N GLU B 204 28.09 -6.99 -0.61
CA GLU B 204 29.39 -6.37 -0.87
C GLU B 204 30.09 -6.22 0.44
N GLU B 205 29.35 -5.80 1.44
CA GLU B 205 29.99 -5.60 2.71
C GLU B 205 30.57 -6.89 3.14
N ALA B 206 30.00 -7.99 2.70
CA ALA B 206 30.55 -9.26 3.16
C ALA B 206 31.42 -9.94 2.18
N MET B 207 31.70 -9.24 1.10
CA MET B 207 32.55 -9.80 0.07
C MET B 207 31.90 -10.97 -0.60
N ILE B 208 30.58 -10.97 -0.60
CA ILE B 208 29.89 -12.06 -1.23
C ILE B 208 29.53 -11.57 -2.58
N LYS B 209 29.72 -12.41 -3.57
CA LYS B 209 29.41 -12.05 -4.95
C LYS B 209 28.20 -12.80 -5.44
N VAL B 210 27.24 -12.11 -6.00
CA VAL B 210 26.14 -12.92 -6.45
C VAL B 210 26.17 -13.14 -7.93
N PRO B 211 26.52 -14.35 -8.31
CA PRO B 211 26.57 -14.78 -9.71
C PRO B 211 25.23 -14.45 -10.37
N GLU B 212 25.29 -13.79 -11.51
CA GLU B 212 24.08 -13.39 -12.21
C GLU B 212 23.08 -14.49 -12.50
N SER B 213 23.56 -15.71 -12.57
CA SER B 213 22.64 -16.82 -12.81
C SER B 213 21.85 -17.06 -11.55
N TRP B 214 22.11 -16.27 -10.54
CA TRP B 214 21.44 -16.45 -9.29
C TRP B 214 20.46 -15.35 -9.01
N ILE B 215 20.38 -14.40 -9.91
CA ILE B 215 19.42 -13.36 -9.69
C ILE B 215 18.33 -13.52 -10.78
N VAL B 216 17.10 -13.71 -10.35
CA VAL B 216 16.06 -13.88 -11.34
C VAL B 216 14.93 -12.93 -10.97
N GLN B 217 14.49 -12.16 -11.96
CA GLN B 217 13.45 -11.16 -11.82
C GLN B 217 12.11 -11.77 -11.66
N GLY B 218 11.37 -11.31 -10.67
CA GLY B 218 10.02 -11.79 -10.47
C GLY B 218 9.14 -10.56 -10.77
N ASP B 219 7.82 -10.73 -10.67
CA ASP B 219 6.89 -9.62 -10.91
C ASP B 219 5.96 -9.55 -9.73
N PHE B 220 6.37 -10.14 -8.61
CA PHE B 220 5.58 -10.22 -7.37
C PHE B 220 4.44 -11.19 -7.51
N GLU B 221 4.44 -11.98 -8.56
CA GLU B 221 3.33 -12.93 -8.67
C GLU B 221 3.85 -14.33 -8.45
N PRO B 222 3.05 -15.13 -7.78
CA PRO B 222 3.39 -16.52 -7.43
C PRO B 222 4.00 -17.25 -8.60
N GLU B 223 3.37 -17.19 -9.77
CA GLU B 223 3.95 -17.89 -10.89
C GLU B 223 5.37 -17.43 -11.14
N SER B 224 5.65 -16.14 -11.00
CA SER B 224 7.01 -15.63 -11.23
C SER B 224 8.01 -16.18 -10.26
N GLY B 225 7.57 -16.45 -9.05
CA GLY B 225 8.43 -17.00 -8.01
C GLY B 225 8.71 -18.46 -8.33
N TYR B 226 7.68 -19.13 -8.84
CA TYR B 226 7.79 -20.52 -9.23
C TYR B 226 8.91 -20.66 -10.29
N ARG B 227 8.69 -20.06 -11.45
CA ARG B 227 9.68 -20.10 -12.52
C ARG B 227 11.15 -19.77 -12.10
N ALA B 228 11.31 -18.68 -11.35
CA ALA B 228 12.64 -18.27 -10.87
C ALA B 228 13.29 -19.29 -9.96
N MET B 229 12.59 -19.73 -8.93
CA MET B 229 13.13 -20.72 -8.04
C MET B 229 13.60 -21.92 -8.82
N GLN B 230 12.77 -22.31 -9.76
CA GLN B 230 13.05 -23.45 -10.56
C GLN B 230 14.28 -23.17 -11.38
N GLN B 231 14.35 -22.01 -11.99
CA GLN B 231 15.53 -21.73 -12.76
C GLN B 231 16.80 -21.69 -11.88
N ILE B 232 16.66 -21.23 -10.65
CA ILE B 232 17.82 -21.18 -9.76
C ILE B 232 18.31 -22.57 -9.36
N LEU B 233 17.40 -23.40 -8.86
CA LEU B 233 17.72 -24.76 -8.45
C LEU B 233 17.95 -25.63 -9.65
N SER B 234 17.43 -25.24 -10.82
CA SER B 234 17.62 -26.05 -12.01
C SER B 234 19.10 -26.08 -12.40
N GLN B 235 19.89 -25.24 -11.76
CA GLN B 235 21.31 -25.19 -12.07
C GLN B 235 22.31 -26.17 -11.48
N PRO B 236 23.45 -26.35 -12.17
CA PRO B 236 24.48 -27.31 -11.74
C PRO B 236 24.93 -27.00 -10.34
N HIS B 237 25.21 -25.71 -10.15
CA HIS B 237 25.65 -25.17 -8.89
C HIS B 237 24.51 -24.28 -8.35
N ARG B 238 24.08 -24.57 -7.12
CA ARG B 238 23.00 -23.81 -6.55
C ARG B 238 23.27 -23.22 -5.16
N PRO B 239 22.65 -22.10 -4.85
CA PRO B 239 22.85 -21.45 -3.55
C PRO B 239 22.26 -22.24 -2.41
N THR B 240 22.59 -21.88 -1.19
CA THR B 240 22.07 -22.59 -0.04
C THR B 240 21.00 -21.74 0.57
N ALA B 241 20.80 -20.60 -0.05
CA ALA B 241 19.81 -19.72 0.46
C ALA B 241 19.33 -18.74 -0.58
N VAL B 242 18.03 -18.44 -0.48
CA VAL B 242 17.40 -17.50 -1.37
C VAL B 242 16.61 -16.41 -0.75
N PHE B 243 16.88 -15.24 -1.31
CA PHE B 243 16.19 -14.09 -0.87
C PHE B 243 15.14 -13.71 -1.88
N CYS B 244 13.89 -13.92 -1.49
CA CYS B 244 12.77 -13.63 -2.37
C CYS B 244 12.05 -12.34 -2.00
N GLY B 245 12.11 -11.41 -2.94
CA GLY B 245 11.55 -10.07 -2.85
C GLY B 245 10.13 -9.75 -2.38
N GLY B 246 9.26 -10.77 -2.26
CA GLY B 246 7.87 -10.61 -1.81
C GLY B 246 7.27 -11.97 -1.38
N ASP B 247 6.53 -11.97 -0.28
CA ASP B 247 5.96 -13.22 0.19
C ASP B 247 5.19 -14.08 -0.84
N ILE B 248 4.39 -13.42 -1.66
CA ILE B 248 3.60 -14.16 -2.63
C ILE B 248 4.47 -14.84 -3.67
N MET B 249 5.46 -14.14 -4.18
CA MET B 249 6.35 -14.75 -5.14
C MET B 249 7.01 -15.89 -4.33
N ALA B 250 7.31 -15.62 -3.07
CA ALA B 250 7.96 -16.62 -2.24
C ALA B 250 7.15 -17.88 -2.11
N MET B 251 5.85 -17.70 -1.98
CA MET B 251 5.02 -18.85 -1.82
C MET B 251 5.16 -19.69 -3.04
N GLY B 252 5.42 -19.03 -4.17
CA GLY B 252 5.59 -19.72 -5.45
C GLY B 252 6.94 -20.41 -5.50
N ALA B 253 7.91 -19.88 -4.78
CA ALA B 253 9.20 -20.47 -4.74
C ALA B 253 9.12 -21.77 -3.91
N LEU B 254 8.35 -21.76 -2.81
CA LEU B 254 8.25 -22.97 -2.01
C LEU B 254 7.69 -24.08 -2.86
N CYS B 255 6.59 -23.77 -3.55
CA CYS B 255 5.91 -24.74 -4.42
C CYS B 255 6.89 -25.48 -5.32
N ALA B 256 7.56 -24.70 -6.15
CA ALA B 256 8.55 -25.26 -7.07
C ALA B 256 9.57 -26.19 -6.40
N ALA B 257 10.16 -25.73 -5.29
CA ALA B 257 11.19 -26.47 -4.56
C ALA B 257 10.61 -27.81 -4.20
N ASP B 258 9.45 -27.71 -3.62
CA ASP B 258 8.80 -28.91 -3.22
C ASP B 258 8.52 -29.75 -4.44
N GLU B 259 8.20 -29.12 -5.55
CA GLU B 259 7.93 -29.94 -6.71
C GLU B 259 9.19 -30.65 -7.25
N MET B 260 10.36 -30.05 -6.99
CA MET B 260 11.62 -30.63 -7.44
C MET B 260 12.06 -31.54 -6.28
N GLY B 261 11.14 -31.78 -5.37
CA GLY B 261 11.51 -32.64 -4.26
C GLY B 261 12.59 -32.04 -3.37
N LEU B 262 12.74 -30.70 -3.39
CA LEU B 262 13.70 -29.97 -2.58
C LEU B 262 13.14 -29.65 -1.21
N ARG B 263 13.99 -29.75 -0.21
CA ARG B 263 13.52 -29.53 1.14
C ARG B 263 13.71 -28.15 1.71
N VAL B 264 12.62 -27.57 2.23
CA VAL B 264 12.75 -26.25 2.86
C VAL B 264 12.49 -26.27 4.35
N PRO B 265 13.47 -25.82 5.10
CA PRO B 265 14.65 -25.24 4.54
C PRO B 265 15.84 -26.16 4.55
N GLN B 266 15.63 -27.45 4.70
CA GLN B 266 16.78 -28.36 4.72
C GLN B 266 17.61 -28.34 3.46
N ASP B 267 17.00 -28.32 2.30
CA ASP B 267 17.83 -28.28 1.12
C ASP B 267 18.09 -26.83 0.73
N VAL B 268 17.13 -25.94 0.99
CA VAL B 268 17.31 -24.51 0.70
C VAL B 268 16.55 -23.70 1.71
N SER B 269 17.18 -22.59 2.09
CA SER B 269 16.61 -21.66 3.03
C SER B 269 15.99 -20.55 2.19
N LEU B 270 14.91 -20.00 2.68
CA LEU B 270 14.30 -18.96 1.91
C LEU B 270 13.78 -17.86 2.79
N ILE B 271 13.99 -16.63 2.37
CA ILE B 271 13.45 -15.56 3.21
C ILE B 271 12.67 -14.62 2.33
N GLY B 272 11.47 -14.26 2.83
CA GLY B 272 10.65 -13.37 2.04
C GLY B 272 10.72 -11.91 2.40
N TYR B 273 9.68 -11.22 2.01
CA TYR B 273 9.54 -9.82 2.28
C TYR B 273 8.14 -9.38 2.06
N ASP B 274 7.59 -8.83 3.14
CA ASP B 274 6.24 -8.27 3.25
C ASP B 274 5.53 -8.59 4.53
N ASN B 275 5.63 -9.85 4.90
CA ASN B 275 4.97 -10.39 6.06
C ASN B 275 3.50 -10.18 5.86
N VAL B 276 3.05 -10.74 4.78
CA VAL B 276 1.66 -10.69 4.39
C VAL B 276 0.84 -11.50 5.39
N ARG B 277 -0.40 -11.09 5.62
CA ARG B 277 -1.28 -11.75 6.59
C ARG B 277 -1.20 -13.23 6.73
N ASN B 278 -1.00 -13.95 5.66
CA ASN B 278 -0.96 -15.35 5.90
C ASN B 278 0.33 -16.13 5.63
N ALA B 279 1.43 -15.38 5.69
CA ALA B 279 2.77 -15.93 5.48
C ALA B 279 3.04 -16.94 6.59
N ARG B 280 2.49 -16.70 7.78
CA ARG B 280 2.73 -17.66 8.84
C ARG B 280 2.14 -19.06 8.51
N TYR B 281 1.20 -19.08 7.58
CA TYR B 281 0.62 -20.33 7.26
C TYR B 281 1.15 -20.92 6.01
N PHE B 282 2.23 -20.34 5.50
CA PHE B 282 2.87 -20.92 4.33
C PHE B 282 3.45 -22.19 4.93
N THR B 283 3.86 -23.11 4.07
CA THR B 283 4.40 -24.39 4.48
C THR B 283 5.75 -24.43 3.86
N PRO B 284 6.79 -24.19 4.64
CA PRO B 284 6.74 -23.95 6.08
C PRO B 284 6.48 -22.51 6.41
N ALA B 285 6.28 -22.22 7.70
CA ALA B 285 6.01 -20.86 8.12
C ALA B 285 7.16 -20.02 7.68
N LEU B 286 6.81 -19.04 6.89
CA LEU B 286 7.75 -18.15 6.29
C LEU B 286 8.50 -17.10 7.08
N THR B 287 9.80 -17.13 6.96
CA THR B 287 10.61 -16.15 7.63
C THR B 287 10.63 -14.98 6.63
N THR B 288 10.44 -13.78 7.14
CA THR B 288 10.39 -12.64 6.23
C THR B 288 10.57 -11.32 6.88
N ILE B 289 10.68 -10.31 6.03
CA ILE B 289 10.77 -8.96 6.53
C ILE B 289 9.36 -8.42 6.52
N HIS B 290 8.95 -7.86 7.65
CA HIS B 290 7.61 -7.31 7.75
C HIS B 290 7.51 -5.86 7.39
N GLN B 291 6.52 -5.55 6.55
CA GLN B 291 6.30 -4.16 6.18
C GLN B 291 5.09 -3.73 6.96
N PRO B 292 5.18 -2.61 7.64
CA PRO B 292 4.04 -2.12 8.43
C PRO B 292 2.98 -1.58 7.48
N LYS B 293 2.20 -2.47 6.92
CA LYS B 293 1.19 -2.05 5.99
C LYS B 293 0.12 -1.09 6.57
N ASP B 294 -0.47 -1.43 7.70
CA ASP B 294 -1.47 -0.54 8.31
C ASP B 294 -1.02 0.87 8.65
N SER B 295 0.08 0.97 9.38
CA SER B 295 0.63 2.25 9.76
C SER B 295 0.93 2.91 8.44
N LEU B 296 1.24 2.10 7.46
CA LEU B 296 1.51 2.69 6.18
C LEU B 296 0.21 3.32 5.69
N GLY B 297 -0.93 2.73 5.96
CA GLY B 297 -2.12 3.35 5.44
C GLY B 297 -2.56 4.52 6.27
N GLU B 298 -2.61 4.29 7.55
CA GLU B 298 -3.07 5.31 8.43
C GLU B 298 -2.25 6.53 8.36
N THR B 299 -0.98 6.33 8.28
CA THR B 299 -0.12 7.47 8.24
C THR B 299 -0.40 8.32 6.99
N ALA B 300 -0.61 7.65 5.88
CA ALA B 300 -0.87 8.35 4.62
C ALA B 300 -2.18 9.15 4.75
N PHE B 301 -3.21 8.48 5.23
CA PHE B 301 -4.48 9.12 5.39
C PHE B 301 -4.35 10.27 6.32
N ASN B 302 -3.45 10.17 7.27
CA ASN B 302 -3.31 11.24 8.19
C ASN B 302 -2.69 12.45 7.57
N MET B 303 -1.64 12.28 6.77
CA MET B 303 -1.06 13.45 6.14
C MET B 303 -2.14 14.12 5.27
N LEU B 304 -2.87 13.31 4.50
CA LEU B 304 -3.92 13.82 3.64
C LEU B 304 -4.88 14.73 4.42
N LEU B 305 -5.49 14.21 5.47
CA LEU B 305 -6.40 14.99 6.29
C LEU B 305 -5.80 16.34 6.66
N ASP B 306 -4.60 16.30 7.19
CA ASP B 306 -3.88 17.49 7.57
C ASP B 306 -3.88 18.49 6.44
N ARG B 307 -3.32 18.09 5.32
CA ARG B 307 -3.23 18.99 4.18
C ARG B 307 -4.63 19.51 3.89
N ILE B 308 -5.58 18.60 4.00
CA ILE B 308 -6.94 18.95 3.72
C ILE B 308 -7.41 19.95 4.69
N VAL B 309 -7.57 19.52 5.94
CA VAL B 309 -8.06 20.47 6.90
C VAL B 309 -7.16 21.61 7.27
N ASN B 310 -5.99 21.31 7.81
CA ASN B 310 -5.09 22.38 8.17
C ASN B 310 -4.55 23.10 6.96
N LYS B 311 -5.09 22.75 5.80
CA LYS B 311 -4.69 23.38 4.57
C LYS B 311 -3.21 23.57 4.40
N ARG B 312 -2.41 22.63 4.88
CA ARG B 312 -0.97 22.76 4.72
C ARG B 312 -0.67 22.87 3.23
N GLU B 313 0.46 23.50 2.94
CA GLU B 313 0.84 23.72 1.56
C GLU B 313 2.16 23.01 1.21
N GLU B 314 3.00 22.93 2.23
CA GLU B 314 4.30 22.31 2.12
C GLU B 314 4.24 20.80 2.11
N PRO B 315 4.97 20.26 1.14
CA PRO B 315 5.08 18.86 0.97
C PRO B 315 5.76 18.33 2.23
N GLN B 316 5.33 17.17 2.65
CA GLN B 316 5.89 16.57 3.82
C GLN B 316 6.23 15.14 3.43
N SER B 317 6.87 14.42 4.36
CA SER B 317 7.23 13.04 4.13
C SER B 317 7.58 12.30 5.39
N ILE B 318 6.92 11.17 5.62
CA ILE B 318 7.17 10.41 6.82
C ILE B 318 7.67 9.03 6.48
N GLU B 319 8.66 8.60 7.24
CA GLU B 319 9.24 7.29 7.06
C GLU B 319 8.65 6.30 8.04
N VAL B 320 8.56 5.06 7.57
CA VAL B 320 8.03 3.97 8.36
C VAL B 320 9.16 2.91 8.35
N HIS B 321 9.15 1.96 9.28
CA HIS B 321 10.22 0.95 9.31
C HIS B 321 9.94 -0.52 9.35
N PRO B 322 10.66 -1.22 8.46
CA PRO B 322 10.53 -2.65 8.33
C PRO B 322 11.19 -3.34 9.49
N ARG B 323 10.86 -4.59 9.63
CA ARG B 323 11.45 -5.38 10.67
C ARG B 323 11.40 -6.87 10.37
N LEU B 324 12.34 -7.60 10.95
CA LEU B 324 12.46 -9.02 10.70
C LEU B 324 11.58 -9.90 11.49
N ILE B 325 11.04 -10.92 10.83
CA ILE B 325 10.18 -11.86 11.51
C ILE B 325 10.72 -13.23 11.29
N GLU B 326 11.24 -13.81 12.35
CA GLU B 326 11.79 -15.16 12.24
C GLU B 326 10.78 -16.26 12.31
N ARG B 327 10.62 -17.02 11.23
CA ARG B 327 9.68 -18.13 11.22
C ARG B 327 10.45 -19.46 10.94
N ARG B 328 10.04 -20.30 10.01
CA ARG B 328 10.85 -21.49 9.86
C ARG B 328 11.45 -21.84 8.53
N SER B 329 11.59 -20.91 7.63
CA SER B 329 12.13 -21.23 6.33
C SER B 329 13.65 -21.02 6.20
N VAL B 330 14.28 -20.67 7.30
CA VAL B 330 15.70 -20.48 7.23
C VAL B 330 16.40 -21.42 8.22
N ALA B 331 17.54 -21.91 7.79
CA ALA B 331 18.33 -22.82 8.56
C ALA B 331 19.76 -22.36 8.56
N ASP B 332 20.54 -22.78 9.54
CA ASP B 332 21.93 -22.37 9.60
C ASP B 332 22.65 -22.80 8.33
N GLY B 333 23.69 -22.08 7.96
CA GLY B 333 24.47 -22.38 6.76
C GLY B 333 25.88 -22.86 7.14
N PRO B 334 26.53 -23.42 6.13
CA PRO B 334 27.86 -23.96 6.22
C PRO B 334 28.85 -23.13 7.04
N PHE B 335 28.73 -21.82 7.01
CA PHE B 335 29.66 -21.05 7.77
C PHE B 335 29.28 -20.57 9.15
N ARG B 336 28.14 -21.01 9.65
CA ARG B 336 27.73 -20.54 10.95
C ARG B 336 28.80 -20.66 12.01
N ASP B 337 29.25 -21.87 12.23
CA ASP B 337 30.23 -22.11 13.25
C ASP B 337 31.50 -21.32 13.18
N TYR B 338 31.85 -20.85 11.98
CA TYR B 338 33.08 -20.08 11.75
C TYR B 338 33.05 -18.58 11.85
N ARG B 339 32.22 -17.97 12.70
CA ARG B 339 32.18 -16.52 12.83
C ARG B 339 32.65 -16.06 14.26
N1 HPA C . 3.03 -5.83 -5.83
C2 HPA C . 2.65 -6.88 -5.02
N3 HPA C . 3.14 -7.13 -3.82
C4 HPA C . 4.11 -6.23 -3.51
C5 HPA C . 4.55 -5.14 -4.23
C6 HPA C . 3.99 -4.88 -5.50
O6 HPA C . 4.21 -3.95 -6.30
N7 HPA C . 5.54 -4.47 -3.53
C8 HPA C . 5.69 -5.15 -2.43
N9 HPA C . 4.83 -6.21 -2.34
#